data_1MZ9
#
_entry.id   1MZ9
#
_cell.length_a   38.295
_cell.length_b   49.289
_cell.length_c   55.260
_cell.angle_alpha   90.00
_cell.angle_beta   103.87
_cell.angle_gamma   90.00
#
_symmetry.space_group_name_H-M   'P 1 21 1'
#
loop_
_entity.id
_entity.type
_entity.pdbx_description
1 polymer 'cartilage oligomeric matrix protein'
2 non-polymer 3-{2-[1-(5-HYDROXY-1,5-DIMETHYL-HEXYL)-7A-METHYL-OCTAHYDRO-INDEN-4-YLIDENE]-ETHYLIDENE}-4-METHYLENE-CYCLOHEXANOL
3 water water
#
_entity_poly.entity_id   1
_entity_poly.type   'polypeptide(L)'
_entity_poly.pdbx_seq_one_letter_code
;MDLAPQMLRELQETNAALQDVRELLRQQVKEITFLKNTVMECDAC
;
_entity_poly.pdbx_strand_id   A,B,C,D,E
#
loop_
_chem_comp.id
_chem_comp.type
_chem_comp.name
_chem_comp.formula
VDY non-polymer 3-{2-[1-(5-HYDROXY-1,5-DIMETHYL-HEXYL)-7A-METHYL-OCTAHYDRO-INDEN-4-YLIDENE]-ETHYLIDENE}-4-METHYLENE-CYCLOHEXANOL 'C27 H44 O2'
#
# COMPACT_ATOMS: atom_id res chain seq x y z
N MET A 1 -19.11 -25.76 -16.71
CA MET A 1 -18.35 -24.87 -17.63
C MET A 1 -16.88 -24.76 -17.23
N ASP A 2 -16.04 -24.40 -18.19
CA ASP A 2 -14.61 -24.23 -17.96
C ASP A 2 -14.40 -22.86 -17.32
N LEU A 3 -13.83 -22.87 -16.11
CA LEU A 3 -13.58 -21.64 -15.35
C LEU A 3 -12.24 -20.99 -15.66
N ALA A 4 -11.42 -21.63 -16.48
CA ALA A 4 -10.11 -21.07 -16.81
C ALA A 4 -10.21 -19.66 -17.39
N PRO A 5 -11.13 -19.43 -18.35
CA PRO A 5 -11.27 -18.10 -18.93
C PRO A 5 -11.60 -17.04 -17.88
N GLN A 6 -12.51 -17.38 -16.98
CA GLN A 6 -12.89 -16.45 -15.93
C GLN A 6 -11.74 -16.21 -14.96
N MET A 7 -10.92 -17.24 -14.73
CA MET A 7 -9.78 -17.10 -13.85
C MET A 7 -8.79 -16.10 -14.46
N LEU A 8 -8.55 -16.21 -15.77
CA LEU A 8 -7.63 -15.30 -16.44
C LEU A 8 -8.16 -13.86 -16.33
N ARG A 9 -9.46 -13.69 -16.51
CA ARG A 9 -10.06 -12.37 -16.42
C ARG A 9 -9.87 -11.75 -15.03
N GLU A 10 -9.97 -12.57 -13.98
CA GLU A 10 -9.78 -12.05 -12.63
C GLU A 10 -8.33 -11.57 -12.47
N LEU A 11 -7.39 -12.33 -13.01
CA LEU A 11 -5.97 -11.99 -12.93
C LEU A 11 -5.71 -10.69 -13.68
N GLN A 12 -6.37 -10.52 -14.82
CA GLN A 12 -6.18 -9.30 -15.60
C GLN A 12 -6.75 -8.10 -14.84
N GLU A 13 -7.88 -8.27 -14.18
CA GLU A 13 -8.48 -7.18 -13.41
C GLU A 13 -7.61 -6.82 -12.22
N THR A 14 -6.99 -7.83 -11.62
CA THR A 14 -6.12 -7.61 -10.48
C THR A 14 -4.93 -6.75 -10.90
N ASN A 15 -4.34 -7.08 -12.04
CA ASN A 15 -3.20 -6.32 -12.51
C ASN A 15 -3.57 -4.89 -12.83
N ALA A 16 -4.80 -4.68 -13.28
CA ALA A 16 -5.23 -3.32 -13.59
C ALA A 16 -5.31 -2.50 -12.30
N ALA A 17 -5.90 -3.09 -11.27
CA ALA A 17 -6.04 -2.40 -9.99
C ALA A 17 -4.67 -2.19 -9.36
N LEU A 18 -3.78 -3.17 -9.51
CA LEU A 18 -2.44 -3.08 -8.95
C LEU A 18 -1.68 -1.97 -9.67
N GLN A 19 -1.91 -1.82 -10.97
CA GLN A 19 -1.25 -0.77 -11.71
C GLN A 19 -1.67 0.60 -11.15
N ASP A 20 -2.97 0.76 -10.86
CA ASP A 20 -3.45 2.02 -10.31
C ASP A 20 -2.81 2.29 -8.96
N VAL A 21 -2.66 1.23 -8.16
CA VAL A 21 -2.05 1.38 -6.85
C VAL A 21 -0.60 1.85 -6.98
N ARG A 22 0.13 1.28 -7.93
CA ARG A 22 1.52 1.66 -8.15
C ARG A 22 1.63 3.14 -8.47
N GLU A 23 0.69 3.63 -9.29
CA GLU A 23 0.70 5.03 -9.68
C GLU A 23 0.34 5.95 -8.51
N LEU A 24 -0.64 5.54 -7.71
CA LEU A 24 -1.06 6.35 -6.58
C LEU A 24 0.07 6.45 -5.56
N LEU A 25 0.71 5.33 -5.28
CA LEU A 25 1.80 5.30 -4.31
C LEU A 25 2.95 6.16 -4.81
N ARG A 26 3.22 6.12 -6.10
CA ARG A 26 4.29 6.90 -6.68
C ARG A 26 4.06 8.39 -6.45
N GLN A 27 2.81 8.80 -6.59
CA GLN A 27 2.47 10.21 -6.37
C GLN A 27 2.53 10.55 -4.88
N GLN A 28 2.07 9.61 -4.06
CA GLN A 28 2.06 9.83 -2.62
C GLN A 28 3.47 10.08 -2.07
N VAL A 29 4.44 9.28 -2.50
CA VAL A 29 5.81 9.49 -1.99
C VAL A 29 6.27 10.90 -2.32
N LYS A 30 5.96 11.37 -3.52
CA LYS A 30 6.35 12.72 -3.93
C LYS A 30 5.74 13.77 -3.00
N GLU A 31 4.47 13.57 -2.64
CA GLU A 31 3.77 14.50 -1.75
C GLU A 31 4.40 14.51 -0.37
N ILE A 32 4.75 13.32 0.11
CA ILE A 32 5.36 13.19 1.43
C ILE A 32 6.75 13.83 1.44
N THR A 33 7.48 13.65 0.34
CA THR A 33 8.82 14.20 0.23
C THR A 33 8.73 15.73 0.22
N PHE A 34 7.76 16.26 -0.51
CA PHE A 34 7.60 17.71 -0.58
C PHE A 34 7.24 18.20 0.82
N LEU A 35 6.40 17.44 1.50
CA LEU A 35 5.98 17.78 2.85
C LEU A 35 7.19 17.83 3.78
N LYS A 36 8.04 16.82 3.66
CA LYS A 36 9.25 16.73 4.48
C LYS A 36 10.12 17.97 4.29
N ASN A 37 10.37 18.32 3.03
CA ASN A 37 11.21 19.48 2.74
C ASN A 37 10.59 20.77 3.27
N THR A 38 9.27 20.89 3.16
CA THR A 38 8.58 22.08 3.65
C THR A 38 8.78 22.22 5.16
N VAL A 39 8.68 21.10 5.88
CA VAL A 39 8.87 21.13 7.33
C VAL A 39 10.32 21.46 7.70
N MET A 40 11.26 20.94 6.91
CA MET A 40 12.67 21.19 7.15
C MET A 40 12.99 22.68 7.04
N GLU A 41 12.20 23.39 6.24
CA GLU A 41 12.40 24.83 6.05
C GLU A 41 11.52 25.68 6.95
N CYS A 42 10.72 25.06 7.80
CA CYS A 42 9.83 25.80 8.69
C CYS A 42 10.63 26.58 9.73
N ASP A 43 10.66 27.91 9.57
CA ASP A 43 11.40 28.79 10.48
C ASP A 43 11.09 28.57 11.96
N ALA A 44 9.87 28.21 12.28
CA ALA A 44 9.50 28.00 13.68
C ALA A 44 10.25 26.81 14.29
N CYS A 45 10.72 25.90 13.43
CA CYS A 45 11.46 24.73 13.90
C CYS A 45 12.97 24.97 13.90
N MET B 1 -8.46 -23.07 -26.61
CA MET B 1 -7.04 -22.69 -26.36
C MET B 1 -6.65 -22.83 -24.89
N ASP B 2 -5.50 -23.45 -24.64
CA ASP B 2 -5.01 -23.60 -23.27
C ASP B 2 -4.61 -22.20 -22.82
N LEU B 3 -5.04 -21.80 -21.63
CA LEU B 3 -4.75 -20.46 -21.14
C LEU B 3 -3.57 -20.33 -20.17
N ALA B 4 -2.90 -21.42 -19.86
CA ALA B 4 -1.77 -21.40 -18.95
C ALA B 4 -0.69 -20.37 -19.34
N PRO B 5 -0.28 -20.34 -20.61
CA PRO B 5 0.74 -19.36 -21.00
C PRO B 5 0.33 -17.93 -20.64
N GLN B 6 -0.93 -17.59 -20.91
CA GLN B 6 -1.43 -16.26 -20.60
C GLN B 6 -1.51 -16.03 -19.09
N MET B 7 -1.95 -17.05 -18.36
CA MET B 7 -2.04 -16.91 -16.91
C MET B 7 -0.67 -16.65 -16.30
N LEU B 8 0.33 -17.40 -16.76
CA LEU B 8 1.69 -17.21 -16.25
C LEU B 8 2.15 -15.77 -16.48
N ARG B 9 1.89 -15.25 -17.68
CA ARG B 9 2.30 -13.87 -17.95
C ARG B 9 1.65 -12.89 -16.98
N GLU B 10 0.39 -13.14 -16.63
CA GLU B 10 -0.32 -12.26 -15.70
C GLU B 10 0.33 -12.33 -14.32
N LEU B 11 0.69 -13.52 -13.90
CA LEU B 11 1.32 -13.70 -12.60
C LEU B 11 2.66 -12.97 -12.59
N GLN B 12 3.41 -13.11 -13.67
CA GLN B 12 4.70 -12.43 -13.75
C GLN B 12 4.55 -10.92 -13.69
N GLU B 13 3.51 -10.39 -14.32
CA GLU B 13 3.26 -8.95 -14.32
C GLU B 13 2.93 -8.52 -12.89
N THR B 14 2.13 -9.33 -12.20
CA THR B 14 1.76 -9.02 -10.83
C THR B 14 3.00 -8.87 -9.95
N ASN B 15 3.91 -9.83 -10.04
CA ASN B 15 5.13 -9.76 -9.23
C ASN B 15 6.02 -8.58 -9.57
N ALA B 16 6.08 -8.22 -10.86
CA ALA B 16 6.90 -7.08 -11.26
C ALA B 16 6.32 -5.80 -10.63
N ALA B 17 5.00 -5.70 -10.60
CA ALA B 17 4.35 -4.52 -10.03
C ALA B 17 4.57 -4.51 -8.52
N LEU B 18 4.53 -5.69 -7.92
CA LEU B 18 4.74 -5.82 -6.48
C LEU B 18 6.17 -5.38 -6.11
N GLN B 19 7.11 -5.70 -6.99
CA GLN B 19 8.51 -5.34 -6.76
C GLN B 19 8.61 -3.82 -6.66
N ASP B 20 7.93 -3.14 -7.57
CA ASP B 20 7.93 -1.68 -7.60
C ASP B 20 7.23 -1.11 -6.37
N VAL B 21 6.09 -1.69 -6.00
CA VAL B 21 5.36 -1.22 -4.83
C VAL B 21 6.22 -1.34 -3.56
N ARG B 22 6.94 -2.45 -3.44
CA ARG B 22 7.79 -2.68 -2.28
C ARG B 22 8.90 -1.64 -2.23
N GLU B 23 9.51 -1.35 -3.38
CA GLU B 23 10.59 -0.36 -3.44
C GLU B 23 10.08 1.03 -3.04
N LEU B 24 8.88 1.37 -3.52
CA LEU B 24 8.31 2.68 -3.22
C LEU B 24 7.97 2.76 -1.75
N LEU B 25 7.46 1.68 -1.18
CA LEU B 25 7.10 1.67 0.22
C LEU B 25 8.34 1.87 1.07
N ARG B 26 9.45 1.24 0.69
CA ARG B 26 10.69 1.38 1.45
C ARG B 26 11.15 2.83 1.45
N GLN B 27 11.12 3.47 0.28
CA GLN B 27 11.54 4.86 0.21
C GLN B 27 10.59 5.76 0.99
N GLN B 28 9.31 5.42 1.00
CA GLN B 28 8.33 6.24 1.71
C GLN B 28 8.50 6.18 3.22
N VAL B 29 8.76 4.99 3.77
CA VAL B 29 8.95 4.85 5.20
C VAL B 29 10.16 5.67 5.64
N LYS B 30 11.15 5.75 4.75
CA LYS B 30 12.36 6.51 5.06
C LYS B 30 12.04 7.99 5.19
N GLU B 31 11.26 8.52 4.26
CA GLU B 31 10.88 9.93 4.29
C GLU B 31 10.06 10.26 5.52
N ILE B 32 9.12 9.37 5.87
CA ILE B 32 8.27 9.57 7.02
C ILE B 32 9.08 9.54 8.31
N THR B 33 9.99 8.58 8.40
CA THR B 33 10.84 8.45 9.58
C THR B 33 11.66 9.72 9.75
N PHE B 34 12.16 10.27 8.64
CA PHE B 34 12.95 11.49 8.68
C PHE B 34 12.07 12.65 9.15
N LEU B 35 10.83 12.68 8.67
CA LEU B 35 9.89 13.72 9.05
C LEU B 35 9.58 13.59 10.54
N LYS B 36 9.39 12.36 11.02
CA LYS B 36 9.10 12.11 12.42
C LYS B 36 10.16 12.78 13.29
N ASN B 37 11.41 12.41 13.06
CA ASN B 37 12.53 12.95 13.82
C ASN B 37 12.67 14.47 13.70
N THR B 38 12.48 15.00 12.49
CA THR B 38 12.61 16.44 12.28
C THR B 38 11.63 17.22 13.16
N VAL B 39 10.47 16.62 13.40
CA VAL B 39 9.45 17.25 14.23
C VAL B 39 9.79 17.12 15.70
N MET B 40 10.35 15.97 16.09
CA MET B 40 10.72 15.75 17.47
C MET B 40 11.78 16.75 17.94
N GLU B 41 12.43 17.42 16.97
CA GLU B 41 13.46 18.40 17.30
C GLU B 41 13.06 19.83 16.90
N CYS B 42 11.77 20.03 16.64
CA CYS B 42 11.27 21.36 16.27
C CYS B 42 11.27 22.29 17.48
N ASP B 43 11.88 23.45 17.31
CA ASP B 43 11.98 24.44 18.37
C ASP B 43 10.65 24.77 19.02
N ALA B 44 9.65 25.11 18.19
CA ALA B 44 8.32 25.47 18.69
C ALA B 44 7.43 24.26 18.97
N CYS B 45 7.83 23.45 19.95
CA CYS B 45 7.10 22.26 20.34
C CYS B 45 7.44 21.81 21.77
N MET C 1 4.89 -28.01 -23.06
CA MET C 1 5.50 -27.84 -21.72
C MET C 1 4.46 -27.83 -20.62
N ASP C 2 4.92 -27.97 -19.39
CA ASP C 2 4.04 -27.94 -18.23
C ASP C 2 4.46 -26.69 -17.47
N LEU C 3 3.56 -25.72 -17.43
CA LEU C 3 3.84 -24.45 -16.77
C LEU C 3 3.41 -24.37 -15.32
N ALA C 4 2.75 -25.42 -14.83
CA ALA C 4 2.29 -25.44 -13.45
C ALA C 4 3.42 -25.18 -12.45
N PRO C 5 4.55 -25.87 -12.60
CA PRO C 5 5.66 -25.64 -11.66
C PRO C 5 6.06 -24.17 -11.58
N GLN C 6 6.19 -23.52 -12.73
CA GLN C 6 6.57 -22.12 -12.76
C GLN C 6 5.48 -21.23 -12.17
N MET C 7 4.22 -21.55 -12.46
CA MET C 7 3.12 -20.76 -11.92
C MET C 7 3.12 -20.83 -10.38
N LEU C 8 3.42 -22.00 -9.84
CA LEU C 8 3.45 -22.17 -8.39
C LEU C 8 4.56 -21.27 -7.83
N ARG C 9 5.71 -21.25 -8.49
CA ARG C 9 6.81 -20.42 -8.01
C ARG C 9 6.43 -18.94 -8.05
N GLU C 10 5.65 -18.53 -9.05
CA GLU C 10 5.23 -17.14 -9.14
C GLU C 10 4.31 -16.80 -7.98
N LEU C 11 3.37 -17.70 -7.68
CA LEU C 11 2.44 -17.47 -6.58
C LEU C 11 3.19 -17.38 -5.26
N GLN C 12 4.19 -18.23 -5.06
CA GLN C 12 4.97 -18.20 -3.83
C GLN C 12 5.71 -16.87 -3.73
N GLU C 13 6.23 -16.38 -4.86
CA GLU C 13 6.93 -15.11 -4.86
C GLU C 13 5.97 -13.96 -4.52
N THR C 14 4.71 -14.08 -4.92
CA THR C 14 3.72 -13.05 -4.63
C THR C 14 3.50 -12.99 -3.13
N ASN C 15 3.43 -14.16 -2.49
CA ASN C 15 3.23 -14.19 -1.06
C ASN C 15 4.45 -13.66 -0.32
N ALA C 16 5.63 -13.93 -0.87
CA ALA C 16 6.86 -13.45 -0.24
C ALA C 16 6.85 -11.92 -0.30
N ALA C 17 6.49 -11.38 -1.45
CA ALA C 17 6.45 -9.92 -1.61
C ALA C 17 5.38 -9.30 -0.71
N LEU C 18 4.24 -9.97 -0.58
CA LEU C 18 3.14 -9.48 0.25
C LEU C 18 3.52 -9.45 1.72
N GLN C 19 4.29 -10.43 2.17
CA GLN C 19 4.73 -10.45 3.55
C GLN C 19 5.64 -9.25 3.79
N ASP C 20 6.46 -8.90 2.80
CA ASP C 20 7.37 -7.76 2.93
C ASP C 20 6.55 -6.46 3.03
N VAL C 21 5.55 -6.33 2.17
CA VAL C 21 4.69 -5.15 2.18
C VAL C 21 3.99 -5.02 3.53
N ARG C 22 3.48 -6.12 4.05
CA ARG C 22 2.78 -6.09 5.33
C ARG C 22 3.73 -5.65 6.44
N GLU C 23 4.95 -6.17 6.42
CA GLU C 23 5.94 -5.80 7.42
C GLU C 23 6.24 -4.30 7.36
N LEU C 24 6.45 -3.81 6.14
CA LEU C 24 6.73 -2.38 5.96
C LEU C 24 5.56 -1.52 6.38
N LEU C 25 4.35 -1.93 6.01
CA LEU C 25 3.17 -1.16 6.36
C LEU C 25 2.97 -1.09 7.89
N ARG C 26 3.20 -2.19 8.60
CA ARG C 26 3.01 -2.10 10.03
C ARG C 26 4.04 -1.18 10.67
N GLN C 27 5.25 -1.13 10.13
CA GLN C 27 6.26 -0.24 10.70
C GLN C 27 5.89 1.20 10.37
N GLN C 28 5.39 1.41 9.16
CA GLN C 28 5.00 2.75 8.73
C GLN C 28 3.89 3.33 9.60
N VAL C 29 2.91 2.52 9.93
CA VAL C 29 1.81 2.98 10.77
C VAL C 29 2.38 3.45 12.10
N LYS C 30 3.38 2.73 12.61
CA LYS C 30 4.01 3.09 13.86
C LYS C 30 4.70 4.44 13.79
N GLU C 31 5.36 4.72 12.67
CA GLU C 31 6.06 5.99 12.50
C GLU C 31 5.07 7.15 12.40
N ILE C 32 4.01 6.96 11.63
CA ILE C 32 3.00 8.00 11.47
C ILE C 32 2.35 8.28 12.83
N THR C 33 2.14 7.22 13.61
CA THR C 33 1.51 7.39 14.92
C THR C 33 2.40 8.22 15.84
N PHE C 34 3.71 7.94 15.84
CA PHE C 34 4.65 8.70 16.66
C PHE C 34 4.62 10.16 16.23
N LEU C 35 4.57 10.37 14.92
CA LEU C 35 4.53 11.72 14.38
C LEU C 35 3.27 12.46 14.83
N LYS C 36 2.14 11.76 14.84
CA LYS C 36 0.88 12.35 15.25
C LYS C 36 0.96 12.80 16.71
N ASN C 37 1.37 11.90 17.59
CA ASN C 37 1.49 12.20 19.01
C ASN C 37 2.45 13.35 19.27
N THR C 38 3.53 13.41 18.50
CA THR C 38 4.51 14.47 18.66
C THR C 38 3.92 15.84 18.34
N VAL C 39 3.06 15.87 17.33
CA VAL C 39 2.40 17.11 16.91
C VAL C 39 1.37 17.55 17.93
N MET C 40 0.71 16.57 18.55
CA MET C 40 -0.31 16.84 19.54
C MET C 40 0.24 17.49 20.82
N GLU C 41 1.46 17.14 21.18
CA GLU C 41 2.08 17.70 22.38
C GLU C 41 3.04 18.83 22.04
N CYS C 42 2.89 19.39 20.85
CA CYS C 42 3.73 20.51 20.41
C CYS C 42 3.19 21.80 21.02
N ASP C 43 3.85 22.27 22.07
CA ASP C 43 3.46 23.48 22.78
C ASP C 43 3.01 24.63 21.90
N ALA C 44 3.66 24.81 20.75
CA ALA C 44 3.33 25.91 19.85
C ALA C 44 2.01 25.73 19.09
N CYS C 45 1.24 24.73 19.47
CA CYS C 45 -0.03 24.46 18.83
C CYS C 45 -1.16 24.65 19.84
N MET D 1 -4.16 -33.56 -6.78
CA MET D 1 -4.37 -32.74 -8.00
C MET D 1 -3.07 -32.16 -8.55
N ASP D 2 -1.99 -32.92 -8.45
CA ASP D 2 -0.69 -32.45 -8.91
C ASP D 2 -0.26 -31.26 -8.04
N LEU D 3 -0.15 -30.07 -8.64
CA LEU D 3 0.23 -28.88 -7.90
C LEU D 3 -0.97 -28.00 -7.54
N ALA D 4 -2.14 -28.36 -8.05
CA ALA D 4 -3.36 -27.59 -7.79
C ALA D 4 -3.57 -27.30 -6.31
N PRO D 5 -3.44 -28.33 -5.45
CA PRO D 5 -3.63 -28.09 -4.01
C PRO D 5 -2.67 -27.02 -3.48
N GLN D 6 -1.40 -27.11 -3.86
CA GLN D 6 -0.41 -26.14 -3.40
C GLN D 6 -0.73 -24.73 -3.92
N MET D 7 -1.20 -24.66 -5.16
CA MET D 7 -1.54 -23.35 -5.73
C MET D 7 -2.71 -22.72 -4.97
N LEU D 8 -3.72 -23.53 -4.65
CA LEU D 8 -4.86 -23.01 -3.91
C LEU D 8 -4.42 -22.49 -2.54
N ARG D 9 -3.51 -23.19 -1.90
CA ARG D 9 -3.02 -22.76 -0.60
C ARG D 9 -2.30 -21.41 -0.71
N GLU D 10 -1.56 -21.23 -1.79
CA GLU D 10 -0.84 -19.96 -1.97
C GLU D 10 -1.86 -18.84 -2.15
N LEU D 11 -2.91 -19.10 -2.90
CA LEU D 11 -3.95 -18.08 -3.14
C LEU D 11 -4.68 -17.74 -1.86
N GLN D 12 -4.86 -18.72 -0.98
CA GLN D 12 -5.52 -18.46 0.28
C GLN D 12 -4.64 -17.57 1.16
N GLU D 13 -3.34 -17.84 1.15
CA GLU D 13 -2.40 -17.05 1.95
C GLU D 13 -2.34 -15.62 1.46
N THR D 14 -2.45 -15.43 0.15
CA THR D 14 -2.44 -14.09 -0.44
C THR D 14 -3.64 -13.28 0.03
N ASN D 15 -4.80 -13.92 0.05
CA ASN D 15 -6.01 -13.23 0.47
C ASN D 15 -5.92 -12.84 1.94
N ALA D 16 -5.35 -13.71 2.76
CA ALA D 16 -5.19 -13.43 4.18
C ALA D 16 -4.25 -12.24 4.36
N ALA D 17 -3.14 -12.25 3.64
CA ALA D 17 -2.17 -11.17 3.73
C ALA D 17 -2.82 -9.87 3.31
N LEU D 18 -3.63 -9.94 2.26
CA LEU D 18 -4.34 -8.77 1.75
C LEU D 18 -5.30 -8.20 2.80
N GLN D 19 -6.00 -9.08 3.50
CA GLN D 19 -6.94 -8.62 4.51
C GLN D 19 -6.19 -7.81 5.58
N ASP D 20 -5.02 -8.28 5.99
CA ASP D 20 -4.23 -7.56 6.98
C ASP D 20 -3.77 -6.21 6.46
N VAL D 21 -3.33 -6.18 5.19
CA VAL D 21 -2.90 -4.93 4.57
C VAL D 21 -4.03 -3.92 4.57
N ARG D 22 -5.22 -4.40 4.23
CA ARG D 22 -6.42 -3.58 4.18
C ARG D 22 -6.72 -3.00 5.57
N GLU D 23 -6.61 -3.82 6.61
CA GLU D 23 -6.86 -3.36 7.97
C GLU D 23 -5.81 -2.34 8.39
N LEU D 24 -4.57 -2.58 8.01
CA LEU D 24 -3.49 -1.65 8.35
C LEU D 24 -3.70 -0.30 7.67
N LEU D 25 -4.10 -0.34 6.41
CA LEU D 25 -4.34 0.89 5.66
C LEU D 25 -5.52 1.66 6.25
N ARG D 26 -6.51 0.94 6.74
CA ARG D 26 -7.66 1.62 7.32
C ARG D 26 -7.22 2.42 8.54
N GLN D 27 -6.36 1.83 9.35
CA GLN D 27 -5.86 2.51 10.55
C GLN D 27 -4.96 3.68 10.17
N GLN D 28 -4.12 3.49 9.15
CA GLN D 28 -3.22 4.55 8.75
C GLN D 28 -3.96 5.81 8.29
N VAL D 29 -5.05 5.64 7.55
CA VAL D 29 -5.81 6.78 7.06
C VAL D 29 -6.39 7.59 8.22
N LYS D 30 -6.89 6.91 9.25
CA LYS D 30 -7.43 7.64 10.39
C LYS D 30 -6.33 8.46 11.06
N GLU D 31 -5.13 7.89 11.18
CA GLU D 31 -4.02 8.59 11.80
C GLU D 31 -3.66 9.84 10.99
N ILE D 32 -3.56 9.68 9.68
CA ILE D 32 -3.22 10.78 8.81
C ILE D 32 -4.30 11.85 8.84
N THR D 33 -5.56 11.44 8.91
CA THR D 33 -6.68 12.38 8.96
C THR D 33 -6.66 13.13 10.29
N PHE D 34 -6.34 12.43 11.37
CA PHE D 34 -6.28 13.05 12.69
C PHE D 34 -5.13 14.05 12.72
N LEU D 35 -4.10 13.76 11.93
CA LEU D 35 -2.94 14.63 11.88
C LEU D 35 -3.31 15.86 11.03
N LYS D 36 -3.98 15.62 9.91
CA LYS D 36 -4.39 16.69 9.01
C LYS D 36 -5.25 17.72 9.75
N ASN D 37 -6.07 17.25 10.68
CA ASN D 37 -6.93 18.15 11.45
C ASN D 37 -6.10 18.93 12.47
N THR D 38 -5.31 18.20 13.26
CA THR D 38 -4.47 18.80 14.29
C THR D 38 -3.64 19.96 13.74
N VAL D 39 -3.23 19.86 12.48
CA VAL D 39 -2.42 20.90 11.86
C VAL D 39 -3.31 22.04 11.37
N MET D 40 -4.37 21.66 10.67
CA MET D 40 -5.31 22.62 10.12
C MET D 40 -5.88 23.48 11.24
N GLU D 41 -5.73 23.00 12.48
CA GLU D 41 -6.22 23.73 13.63
C GLU D 41 -5.13 24.15 14.62
N CYS D 42 -3.94 24.42 14.09
CA CYS D 42 -2.83 24.87 14.92
C CYS D 42 -2.80 26.39 14.96
N ASP D 43 -2.85 26.95 16.16
CA ASP D 43 -2.85 28.40 16.36
C ASP D 43 -1.77 29.16 15.59
N ALA D 44 -0.51 28.88 15.89
CA ALA D 44 0.61 29.58 15.25
C ALA D 44 0.61 29.61 13.72
N CYS D 45 -0.20 28.77 13.09
CA CYS D 45 -0.27 28.76 11.64
C CYS D 45 -1.22 29.82 11.13
N MET E 1 -13.85 -28.30 -13.57
CA MET E 1 -12.77 -29.29 -13.28
C MET E 1 -11.68 -28.67 -12.43
N ASP E 2 -10.78 -29.50 -11.91
CA ASP E 2 -9.68 -29.01 -11.09
C ASP E 2 -10.24 -28.24 -9.89
N LEU E 3 -9.36 -27.84 -8.98
CA LEU E 3 -9.77 -27.05 -7.82
C LEU E 3 -10.05 -25.64 -8.35
N ALA E 4 -10.47 -25.58 -9.62
CA ALA E 4 -10.75 -24.30 -10.28
C ALA E 4 -11.80 -23.46 -9.56
N PRO E 5 -12.91 -24.08 -9.12
CA PRO E 5 -13.93 -23.28 -8.41
C PRO E 5 -13.33 -22.61 -7.18
N GLN E 6 -12.55 -23.37 -6.44
CA GLN E 6 -11.91 -22.85 -5.23
C GLN E 6 -10.89 -21.76 -5.55
N MET E 7 -10.06 -21.98 -6.57
CA MET E 7 -9.05 -20.99 -6.94
C MET E 7 -9.70 -19.70 -7.43
N LEU E 8 -10.75 -19.83 -8.25
CA LEU E 8 -11.45 -18.66 -8.77
C LEU E 8 -12.01 -17.85 -7.61
N ARG E 9 -12.60 -18.54 -6.64
CA ARG E 9 -13.16 -17.84 -5.48
C ARG E 9 -12.10 -17.01 -4.75
N GLU E 10 -10.90 -17.57 -4.56
CA GLU E 10 -9.85 -16.82 -3.88
C GLU E 10 -9.46 -15.58 -4.67
N LEU E 11 -9.39 -15.72 -5.99
CA LEU E 11 -9.03 -14.61 -6.87
C LEU E 11 -10.09 -13.51 -6.81
N GLN E 12 -11.37 -13.90 -6.74
CA GLN E 12 -12.43 -12.90 -6.66
C GLN E 12 -12.37 -12.14 -5.33
N GLU E 13 -12.07 -12.84 -4.25
CA GLU E 13 -11.97 -12.17 -2.94
C GLU E 13 -10.77 -11.22 -2.91
N THR E 14 -9.68 -11.64 -3.54
CA THR E 14 -8.47 -10.81 -3.61
C THR E 14 -8.77 -9.51 -4.35
N ASN E 15 -9.42 -9.62 -5.51
CA ASN E 15 -9.77 -8.42 -6.28
C ASN E 15 -10.65 -7.47 -5.47
N ALA E 16 -11.63 -8.03 -4.75
CA ALA E 16 -12.51 -7.20 -3.95
C ALA E 16 -11.69 -6.41 -2.92
N ALA E 17 -10.73 -7.06 -2.28
CA ALA E 17 -9.92 -6.37 -1.29
C ALA E 17 -8.99 -5.34 -1.94
N LEU E 18 -8.47 -5.65 -3.12
CA LEU E 18 -7.56 -4.75 -3.81
C LEU E 18 -8.27 -3.48 -4.28
N GLN E 19 -9.54 -3.61 -4.66
CA GLN E 19 -10.29 -2.44 -5.09
C GLN E 19 -10.49 -1.53 -3.89
N ASP E 20 -10.69 -2.13 -2.72
CA ASP E 20 -10.86 -1.37 -1.49
C ASP E 20 -9.54 -0.63 -1.18
N VAL E 21 -8.43 -1.34 -1.31
CA VAL E 21 -7.11 -0.75 -1.05
C VAL E 21 -6.88 0.44 -1.97
N ARG E 22 -7.27 0.29 -3.24
CA ARG E 22 -7.11 1.36 -4.21
C ARG E 22 -7.88 2.60 -3.74
N GLU E 23 -9.12 2.39 -3.28
CA GLU E 23 -9.93 3.50 -2.83
C GLU E 23 -9.38 4.13 -1.56
N LEU E 24 -8.80 3.32 -0.69
CA LEU E 24 -8.21 3.83 0.54
C LEU E 24 -7.01 4.71 0.21
N LEU E 25 -6.17 4.23 -0.71
CA LEU E 25 -4.98 4.97 -1.09
C LEU E 25 -5.38 6.30 -1.75
N ARG E 26 -6.43 6.26 -2.55
CA ARG E 26 -6.89 7.46 -3.24
C ARG E 26 -7.27 8.53 -2.23
N GLN E 27 -8.01 8.14 -1.20
CA GLN E 27 -8.43 9.09 -0.17
C GLN E 27 -7.25 9.56 0.65
N GLN E 28 -6.32 8.65 0.93
CA GLN E 28 -5.15 8.98 1.72
C GLN E 28 -4.25 10.04 1.08
N VAL E 29 -4.01 9.93 -0.23
CA VAL E 29 -3.15 10.90 -0.90
C VAL E 29 -3.81 12.27 -0.84
N LYS E 30 -5.14 12.27 -0.86
CA LYS E 30 -5.92 13.50 -0.80
C LYS E 30 -5.65 14.20 0.53
N GLU E 31 -5.71 13.43 1.62
CA GLU E 31 -5.48 13.97 2.95
C GLU E 31 -4.05 14.47 3.10
N ILE E 32 -3.10 13.72 2.57
CA ILE E 32 -1.70 14.11 2.65
C ILE E 32 -1.47 15.40 1.87
N THR E 33 -2.06 15.48 0.68
CA THR E 33 -1.90 16.68 -0.14
C THR E 33 -2.46 17.90 0.57
N PHE E 34 -3.57 17.70 1.29
CA PHE E 34 -4.20 18.78 2.04
C PHE E 34 -3.27 19.22 3.17
N LEU E 35 -2.66 18.24 3.83
CA LEU E 35 -1.73 18.52 4.91
C LEU E 35 -0.56 19.32 4.38
N LYS E 36 -0.02 18.91 3.24
CA LYS E 36 1.10 19.60 2.62
C LYS E 36 0.81 21.08 2.36
N ASN E 37 -0.37 21.37 1.82
CA ASN E 37 -0.74 22.74 1.51
C ASN E 37 -0.92 23.58 2.77
N THR E 38 -1.44 22.96 3.82
CA THR E 38 -1.67 23.66 5.07
C THR E 38 -0.37 24.12 5.72
N VAL E 39 0.67 23.31 5.57
CA VAL E 39 1.97 23.62 6.13
C VAL E 39 2.65 24.72 5.30
N MET E 40 2.53 24.60 3.99
CA MET E 40 3.11 25.58 3.08
C MET E 40 2.56 26.98 3.36
N GLU E 41 1.34 27.04 3.88
CA GLU E 41 0.71 28.32 4.17
C GLU E 41 0.76 28.70 5.65
N CYS E 42 1.42 27.85 6.45
CA CYS E 42 1.56 28.12 7.88
C CYS E 42 2.48 29.32 8.07
N ASP E 43 1.89 30.45 8.45
CA ASP E 43 2.65 31.68 8.66
C ASP E 43 3.79 31.55 9.68
N ALA E 44 3.63 30.63 10.63
CA ALA E 44 4.66 30.42 11.64
C ALA E 44 5.93 29.89 11.00
N CYS E 45 5.79 29.29 9.83
CA CYS E 45 6.93 28.75 9.10
C CYS E 45 7.56 29.85 8.25
O1 VDY F . 4.14 12.67 5.01
O2 VDY F . 2.70 26.40 13.72
C1 VDY F . 3.54 10.91 7.74
C2 VDY F . 3.22 10.76 6.29
C3 VDY F . 2.92 12.07 5.41
C4 VDY F . 2.08 13.08 6.19
C5 VDY F . 2.57 13.29 7.65
C6 VDY F . 2.93 14.53 8.11
C7 VDY F . 3.42 15.28 9.31
C8 VDY F . 3.63 16.65 9.26
C9 VDY F . 3.33 17.41 7.88
C10 VDY F . 2.59 11.94 8.36
C11 VDY F . 3.18 18.84 7.99
C12 VDY F . 2.57 19.46 9.30
C13 VDY F . 3.09 18.86 10.61
C14 VDY F . 4.15 17.74 10.31
C15 VDY F . 4.54 17.26 11.76
C16 VDY F . 4.46 18.60 12.66
C17 VDY F . 4.04 19.73 11.64
C18 VDY F . 1.78 18.31 11.34
C19 VDY F . 1.86 11.65 9.35
C20 VDY F . 3.33 21.05 12.32
C21 VDY F . 2.99 22.05 11.21
C22 VDY F . 4.12 21.94 13.32
C23 VDY F . 3.12 23.16 13.83
C24 VDY F . 4.25 24.21 13.97
C25 VDY F . 3.96 25.64 14.41
C26 VDY F . 3.91 25.27 15.77
C27 VDY F . 4.84 26.74 14.68
O1 VDY G . 1.41 2.20 -0.44
O2 VDY G . -2.16 -13.31 -6.19
C1 VDY G . -1.35 1.76 1.14
C2 VDY G . -0.07 2.39 1.52
C3 VDY G . 1.28 1.80 0.91
C4 VDY G . 1.28 0.27 0.97
C5 VDY G . -0.07 -0.38 0.53
C6 VDY G . -0.11 -1.39 -0.38
C7 VDY G . -1.07 -2.28 -1.10
C8 VDY G . -0.65 -3.20 -2.04
C9 VDY G . 0.91 -3.27 -2.35
C10 VDY G . -1.23 0.24 1.30
C11 VDY G . 1.35 -4.48 -3.05
C12 VDY G . 0.58 -5.84 -2.80
C13 VDY G . -0.94 -5.75 -2.73
C14 VDY G . -1.40 -4.25 -2.94
C15 VDY G . -2.97 -4.37 -2.82
C16 VDY G . -3.31 -5.83 -3.45
C17 VDY G . -1.91 -6.39 -3.90
C18 VDY G . -1.30 -6.29 -1.28
C19 VDY G . -2.04 -0.40 2.03
C20 VDY G . -1.86 -8.02 -4.09
C21 VDY G . -0.45 -8.40 -4.54
C22 VDY G . -2.73 -8.73 -5.17
C23 VDY G . -2.47 -10.37 -5.09
C24 VDY G . -2.85 -10.70 -6.55
C25 VDY G . -2.80 -12.14 -7.12
C26 VDY G . -4.19 -12.11 -7.35
C27 VDY G . -2.52 -12.61 -8.43
#